data_5SLY
#
_entry.id   5SLY
#
_cell.length_a   67.760
_cell.length_b   67.873
_cell.length_c   138.585
_cell.angle_alpha   90.000
_cell.angle_beta   90.000
_cell.angle_gamma   90.000
#
_symmetry.space_group_name_H-M   'P 21 21 21'
#
loop_
_entity.id
_entity.type
_entity.pdbx_description
1 polymer 'Proofreading exoribonuclease nsp14'
2 non-polymer 'ZINC ION'
3 non-polymer 'PHOSPHATE ION'
4 non-polymer 1-(1-ethyl-1H-pyrazol-5-yl)-N-methylmethanamine
5 water water
#
_entity_poly.entity_id   1
_entity_poly.type   'polypeptide(L)'
_entity_poly.pdbx_seq_one_letter_code
;SMLFKDCSKVITGLHPTQAPTHLSVDTKFKTEGLCVDIPGIPKDMTYRRLISMMGFKMNYQVNGYPNMFITREEAIRHVR
AWIGFDVEGCHATREAVGTNLPLQLGFSTGVNLVAVPTGYVDTPNNTDFSRVSAKPPPGDQFKHLIPLMYKGLPWNVVRI
KIVQMLSDTLKNLSDRVVFVLWAHGFELTSMKYFVKIGPERTCCLCDRRATCFSTASDTYACWHHSIGFDYVYNPFMIDV
QQWGFTGNLQSNHDLYCQVHGNAHVASCDAIMTRCLAVHECFVKRVDWTIEYPIIGDELKINAACRKVQHMVVKAALLAD
KFPVLHDIGNPKAIKCVPQADVEWKFYDAQPCSDKAYKIEELFYSYATHSDKFTDGVCLFWNCNVDRYPANSIVCRFDTR
VLSNLNLPGCDGGSLYVNKHAFHTPAFDKSAFVNLKQLPFFYYSDSPCESHGKQVVSDIDYVPLKSATCITRCNLGGAVC
RHHANEYRLYLDAYNMMISAGFSLWVYKQFDTYNLWNTFTRLQ
;
_entity_poly.pdbx_strand_id   D
#
loop_
_chem_comp.id
_chem_comp.type
_chem_comp.name
_chem_comp.formula
LM6 non-polymer 1-(1-ethyl-1H-pyrazol-5-yl)-N-methylmethanamine 'C7 H13 N3'
PO4 non-polymer 'PHOSPHATE ION' 'O4 P -3'
ZN non-polymer 'ZINC ION' 'Zn 2'
#
# COMPACT_ATOMS: atom_id res chain seq x y z
N PRO A 20 22.51 -9.51 -14.18
CA PRO A 20 22.43 -8.41 -13.20
C PRO A 20 21.19 -8.50 -12.29
N THR A 21 21.13 -9.57 -11.49
CA THR A 21 20.02 -9.78 -10.56
C THR A 21 20.20 -8.83 -9.36
N HIS A 22 21.39 -8.84 -8.74
CA HIS A 22 21.70 -7.98 -7.61
C HIS A 22 22.55 -6.75 -8.04
N LEU A 23 22.78 -5.80 -7.12
CA LEU A 23 23.58 -4.63 -7.41
C LEU A 23 25.03 -5.00 -7.16
N SER A 24 25.92 -4.86 -8.18
CA SER A 24 27.34 -5.19 -8.04
C SER A 24 27.96 -4.30 -6.97
N VAL A 25 28.76 -4.90 -6.06
CA VAL A 25 29.45 -4.07 -5.08
C VAL A 25 30.49 -3.19 -5.76
N ASP A 26 30.95 -3.53 -6.99
CA ASP A 26 31.91 -2.70 -7.73
C ASP A 26 31.24 -1.57 -8.51
N THR A 27 29.91 -1.34 -8.36
CA THR A 27 29.21 -0.22 -8.98
C THR A 27 29.70 1.07 -8.30
N LYS A 28 29.74 2.17 -9.03
CA LYS A 28 30.15 3.45 -8.47
C LYS A 28 29.03 4.08 -7.63
N PHE A 29 29.43 4.75 -6.56
CA PHE A 29 28.54 5.44 -5.64
C PHE A 29 28.95 6.92 -5.64
N LYS A 30 28.03 7.81 -6.03
CA LYS A 30 28.31 9.24 -6.00
C LYS A 30 28.40 9.69 -4.56
N THR A 31 29.54 10.25 -4.13
CA THR A 31 29.78 10.63 -2.75
C THR A 31 29.58 12.11 -2.44
N GLU A 32 29.16 12.91 -3.41
CA GLU A 32 28.96 14.34 -3.18
C GLU A 32 27.96 14.66 -2.04
N GLY A 33 26.85 13.91 -1.96
CA GLY A 33 25.86 14.09 -0.90
C GLY A 33 26.37 13.80 0.51
N LEU A 34 27.46 13.03 0.63
CA LEU A 34 28.13 12.61 1.87
C LEU A 34 29.30 13.53 2.33
N CYS A 35 29.78 14.48 1.51
CA CYS A 35 31.01 15.23 1.85
C CYS A 35 30.89 16.34 2.92
N VAL A 36 29.67 16.69 3.37
CA VAL A 36 29.54 17.71 4.43
C VAL A 36 29.73 17.00 5.80
N ASP A 37 29.10 15.82 5.99
CA ASP A 37 29.31 14.99 7.19
C ASP A 37 30.66 14.25 7.12
N ILE A 38 31.13 13.91 5.90
CA ILE A 38 32.40 13.22 5.66
C ILE A 38 33.31 14.04 4.74
N PRO A 39 33.99 15.07 5.29
CA PRO A 39 34.88 15.88 4.45
C PRO A 39 36.10 15.12 3.96
N GLY A 40 36.44 15.33 2.70
CA GLY A 40 37.57 14.66 2.08
C GLY A 40 37.23 13.31 1.49
N ILE A 41 35.94 12.97 1.42
CA ILE A 41 35.52 11.67 0.87
C ILE A 41 35.95 11.55 -0.61
N PRO A 42 36.54 10.40 -1.00
CA PRO A 42 36.96 10.24 -2.38
C PRO A 42 35.79 10.30 -3.33
N LYS A 43 35.91 11.04 -4.40
CA LYS A 43 34.91 11.13 -5.44
C LYS A 43 34.72 9.75 -6.12
N ASP A 44 35.80 9.00 -6.26
CA ASP A 44 35.78 7.67 -6.83
C ASP A 44 35.52 6.75 -5.67
N MET A 45 34.35 6.07 -5.68
CA MET A 45 33.95 5.21 -4.58
C MET A 45 33.01 4.11 -5.07
N THR A 46 33.25 2.87 -4.66
CA THR A 46 32.35 1.76 -5.01
C THR A 46 31.50 1.39 -3.78
N TYR A 47 30.51 0.49 -3.95
CA TYR A 47 29.76 -0.03 -2.83
C TYR A 47 30.72 -0.82 -1.90
N ARG A 48 31.69 -1.54 -2.48
CA ARG A 48 32.72 -2.31 -1.77
C ARG A 48 33.47 -1.44 -0.77
N ARG A 49 33.93 -0.26 -1.20
CA ARG A 49 34.67 0.63 -0.31
C ARG A 49 33.77 1.35 0.67
N LEU A 50 32.56 1.71 0.22
CA LEU A 50 31.57 2.37 1.08
C LEU A 50 31.17 1.44 2.23
N ILE A 51 30.83 0.17 1.96
CA ILE A 51 30.44 -0.80 2.99
C ILE A 51 31.58 -1.01 4.00
N SER A 52 32.81 -1.07 3.50
CA SER A 52 34.00 -1.21 4.30
C SER A 52 34.20 0.00 5.24
N MET A 53 33.96 1.20 4.73
CA MET A 53 34.05 2.45 5.46
C MET A 53 32.91 2.52 6.53
N MET A 54 31.75 1.93 6.23
CA MET A 54 30.66 1.86 7.22
C MET A 54 30.94 0.89 8.39
N GLY A 55 32.11 0.24 8.40
CA GLY A 55 32.54 -0.67 9.45
C GLY A 55 32.18 -2.13 9.24
N PHE A 56 31.70 -2.50 8.04
CA PHE A 56 31.29 -3.88 7.77
C PHE A 56 32.29 -4.67 6.92
N LYS A 57 32.36 -6.00 7.15
CA LYS A 57 33.25 -6.85 6.38
C LYS A 57 32.46 -7.96 5.69
N MET A 58 32.55 -8.05 4.35
CA MET A 58 31.79 -9.06 3.60
C MET A 58 32.59 -10.39 3.39
N ASN A 59 33.91 -10.40 3.69
CA ASN A 59 34.79 -11.58 3.67
C ASN A 59 34.73 -12.51 2.42
N TYR A 60 34.25 -12.02 1.26
CA TYR A 60 34.05 -12.81 0.02
C TYR A 60 33.06 -13.94 0.32
N GLN A 61 31.81 -13.57 0.59
CA GLN A 61 30.80 -14.54 0.96
C GLN A 61 29.70 -14.74 -0.12
N VAL A 62 29.60 -15.99 -0.62
CA VAL A 62 28.58 -16.41 -1.58
C VAL A 62 27.46 -17.07 -0.79
N ASN A 63 26.83 -16.32 0.11
CA ASN A 63 25.79 -16.87 0.96
C ASN A 63 24.49 -16.07 0.94
N GLY A 64 24.10 -15.58 -0.24
CA GLY A 64 22.83 -14.90 -0.44
C GLY A 64 22.71 -13.43 -0.11
N TYR A 65 23.73 -12.84 0.50
CA TYR A 65 23.72 -11.41 0.85
C TYR A 65 24.91 -10.75 0.08
N PRO A 66 24.78 -10.51 -1.25
CA PRO A 66 25.94 -9.98 -2.00
C PRO A 66 26.26 -8.52 -1.75
N ASN A 67 25.26 -7.73 -1.41
CA ASN A 67 25.45 -6.31 -1.19
C ASN A 67 24.36 -5.82 -0.20
N MET A 68 24.73 -4.89 0.73
CA MET A 68 23.77 -4.26 1.63
C MET A 68 22.80 -3.36 0.85
N PHE A 69 23.29 -2.76 -0.25
CA PHE A 69 22.59 -1.86 -1.15
C PHE A 69 21.96 -2.64 -2.30
N ILE A 70 20.82 -2.17 -2.76
CA ILE A 70 20.07 -2.85 -3.80
C ILE A 70 19.71 -1.92 -4.97
N THR A 71 19.33 -2.51 -6.11
CA THR A 71 18.89 -1.77 -7.29
C THR A 71 17.50 -1.16 -7.03
N ARG A 72 17.08 -0.23 -7.88
CA ARG A 72 15.77 0.40 -7.84
C ARG A 72 14.71 -0.68 -8.15
N GLU A 73 15.00 -1.59 -9.10
CA GLU A 73 14.10 -2.70 -9.47
C GLU A 73 13.90 -3.64 -8.26
N GLU A 74 14.98 -3.95 -7.50
CA GLU A 74 14.84 -4.79 -6.32
C GLU A 74 14.06 -4.03 -5.23
N ALA A 75 14.29 -2.71 -5.10
CA ALA A 75 13.56 -1.89 -4.11
C ALA A 75 12.05 -1.91 -4.40
N ILE A 76 11.66 -1.77 -5.67
CA ILE A 76 10.26 -1.76 -6.06
C ILE A 76 9.59 -3.10 -5.78
N ARG A 77 10.29 -4.21 -6.05
CA ARG A 77 9.72 -5.53 -5.75
C ARG A 77 9.48 -5.74 -4.24
N HIS A 78 10.23 -5.02 -3.40
CA HIS A 78 10.13 -5.12 -1.95
C HIS A 78 9.62 -3.80 -1.35
N VAL A 79 8.67 -3.11 -2.04
CA VAL A 79 8.14 -1.84 -1.53
C VAL A 79 7.53 -1.95 -0.10
N ARG A 80 6.94 -3.12 0.25
CA ARG A 80 6.38 -3.33 1.59
C ARG A 80 7.42 -3.27 2.70
N ALA A 81 8.73 -3.48 2.35
CA ALA A 81 9.84 -3.46 3.29
C ALA A 81 10.40 -2.06 3.51
N TRP A 82 9.94 -1.04 2.75
CA TRP A 82 10.53 0.31 2.83
C TRP A 82 10.31 1.03 4.13
N ILE A 83 11.43 1.50 4.72
CA ILE A 83 11.45 2.29 5.95
C ILE A 83 12.40 3.41 5.70
N GLY A 84 11.87 4.60 5.63
CA GLY A 84 12.63 5.83 5.50
C GLY A 84 13.49 5.98 6.74
N PHE A 85 14.77 6.30 6.52
CA PHE A 85 15.70 6.41 7.63
C PHE A 85 16.61 7.60 7.43
N ASP A 86 16.68 8.46 8.45
CA ASP A 86 17.49 9.65 8.45
C ASP A 86 18.17 9.85 9.81
N VAL A 87 19.42 10.35 9.80
CA VAL A 87 20.13 10.64 11.04
C VAL A 87 20.57 12.10 11.01
N GLU A 88 20.21 12.86 12.04
CA GLU A 88 20.62 14.25 12.15
C GLU A 88 21.41 14.41 13.43
N GLY A 89 22.62 14.94 13.34
CA GLY A 89 23.42 15.21 14.52
C GLY A 89 22.78 16.30 15.37
N CYS A 90 22.58 16.03 16.68
CA CYS A 90 22.00 17.04 17.57
C CYS A 90 23.11 18.07 17.88
N HIS A 91 24.28 17.58 18.35
CA HIS A 91 25.39 18.46 18.64
C HIS A 91 26.48 18.39 17.56
N GLY A 98 28.39 11.91 16.09
CA GLY A 98 29.77 11.89 15.65
C GLY A 98 30.75 11.34 16.68
N THR A 99 30.29 10.33 17.49
CA THR A 99 31.04 9.65 18.57
C THR A 99 31.29 10.60 19.78
N ASN A 100 31.29 11.92 19.53
CA ASN A 100 31.42 12.99 20.51
C ASN A 100 30.03 13.58 20.79
N LEU A 101 29.18 13.70 19.73
CA LEU A 101 27.84 14.28 19.81
C LEU A 101 26.70 13.25 19.71
N PRO A 102 25.54 13.57 20.32
CA PRO A 102 24.38 12.67 20.21
C PRO A 102 23.69 12.78 18.83
N LEU A 103 23.14 11.67 18.33
CA LEU A 103 22.46 11.65 17.05
C LEU A 103 20.96 11.43 17.21
N GLN A 104 20.16 12.08 16.38
CA GLN A 104 18.73 11.89 16.33
C GLN A 104 18.44 10.96 15.15
N LEU A 105 17.88 9.79 15.45
CA LEU A 105 17.57 8.72 14.49
C LEU A 105 16.09 8.85 14.17
N GLY A 106 15.77 8.98 12.90
CA GLY A 106 14.38 9.14 12.47
C GLY A 106 13.94 8.09 11.50
N PHE A 107 12.74 7.56 11.71
CA PHE A 107 12.16 6.53 10.86
C PHE A 107 10.83 7.02 10.28
N SER A 108 10.49 6.56 9.07
CA SER A 108 9.24 6.98 8.44
C SER A 108 7.97 6.46 9.20
N THR A 109 8.16 5.75 10.32
CA THR A 109 7.07 5.38 11.23
C THR A 109 6.71 6.60 12.15
N GLY A 110 7.41 7.74 12.02
CA GLY A 110 7.23 8.92 12.85
C GLY A 110 8.09 8.92 14.10
N VAL A 111 8.85 7.85 14.34
CA VAL A 111 9.69 7.69 15.53
C VAL A 111 11.02 8.46 15.49
N ASN A 112 11.39 9.10 16.62
CA ASN A 112 12.64 9.83 16.79
C ASN A 112 13.36 9.35 18.02
N LEU A 113 14.49 8.65 17.84
CA LEU A 113 15.29 8.19 18.98
C LEU A 113 16.58 9.01 19.08
N VAL A 114 17.01 9.37 20.28
CA VAL A 114 18.28 10.08 20.46
C VAL A 114 19.30 9.11 21.03
N ALA A 115 20.40 8.85 20.28
CA ALA A 115 21.45 7.94 20.73
C ALA A 115 22.63 8.76 21.22
N VAL A 116 23.12 8.47 22.43
CA VAL A 116 24.29 9.16 22.98
C VAL A 116 25.45 8.17 23.04
N PRO A 117 26.66 8.61 22.64
CA PRO A 117 27.81 7.70 22.61
C PRO A 117 28.62 7.66 23.90
N THR A 118 27.93 7.68 25.05
CA THR A 118 28.52 7.66 26.38
C THR A 118 29.45 6.46 26.63
N PRO A 147 6.08 12.11 14.70
CA PRO A 147 6.89 13.07 15.47
C PRO A 147 6.92 12.73 16.97
N LEU A 148 7.24 11.45 17.29
CA LEU A 148 7.33 10.99 18.67
C LEU A 148 8.80 11.13 19.11
N MET A 149 9.10 12.18 19.90
CA MET A 149 10.47 12.51 20.36
C MET A 149 10.90 11.76 21.62
N TYR A 150 12.04 11.05 21.57
CA TYR A 150 12.56 10.32 22.72
C TYR A 150 13.90 10.90 23.20
N LYS A 151 14.11 10.98 24.53
CA LYS A 151 15.34 11.53 25.13
C LYS A 151 16.58 10.66 24.89
N GLY A 152 17.76 11.28 24.99
CA GLY A 152 19.06 10.64 24.75
C GLY A 152 19.38 9.42 25.58
N LEU A 153 19.66 8.29 24.91
CA LEU A 153 19.97 7.02 25.57
C LEU A 153 21.13 6.30 24.87
N PRO A 154 21.92 5.46 25.59
CA PRO A 154 23.05 4.78 24.92
C PRO A 154 22.61 3.81 23.83
N TRP A 155 23.51 3.51 22.91
CA TRP A 155 23.23 2.62 21.79
C TRP A 155 22.72 1.24 22.17
N ASN A 156 23.24 0.68 23.28
CA ASN A 156 22.85 -0.66 23.73
C ASN A 156 21.35 -0.78 24.03
N VAL A 157 20.67 0.34 24.41
CA VAL A 157 19.23 0.28 24.61
C VAL A 157 18.49 0.78 23.36
N VAL A 158 19.02 1.81 22.66
CA VAL A 158 18.43 2.32 21.41
C VAL A 158 18.20 1.17 20.37
N ARG A 159 19.21 0.29 20.20
CA ARG A 159 19.15 -0.85 19.28
C ARG A 159 18.02 -1.85 19.62
N ILE A 160 17.70 -2.05 20.92
CA ILE A 160 16.58 -2.89 21.37
C ILE A 160 15.25 -2.26 20.88
N LYS A 161 15.15 -0.92 20.92
CA LYS A 161 13.96 -0.20 20.46
C LYS A 161 13.76 -0.30 18.93
N ILE A 162 14.86 -0.25 18.14
CA ILE A 162 14.89 -0.36 16.68
C ILE A 162 14.38 -1.73 16.23
N VAL A 163 14.89 -2.81 16.82
CA VAL A 163 14.42 -4.17 16.54
C VAL A 163 12.92 -4.30 16.85
N GLN A 164 12.45 -3.80 18.01
CA GLN A 164 11.03 -3.87 18.38
C GLN A 164 10.17 -3.12 17.34
N MET A 165 10.59 -1.89 16.98
CA MET A 165 9.83 -1.05 16.08
C MET A 165 9.71 -1.60 14.67
N LEU A 166 10.84 -2.07 14.11
CA LEU A 166 10.86 -2.65 12.76
C LEU A 166 10.06 -3.95 12.74
N SER A 167 10.23 -4.80 13.76
CA SER A 167 9.48 -6.05 13.85
C SER A 167 7.98 -5.83 13.91
N ASP A 168 7.51 -4.84 14.69
CA ASP A 168 6.07 -4.58 14.78
C ASP A 168 5.49 -3.94 13.53
N THR A 169 6.30 -3.16 12.81
CA THR A 169 5.88 -2.49 11.59
C THR A 169 5.89 -3.47 10.42
N LEU A 170 6.88 -4.35 10.36
CA LEU A 170 7.08 -5.20 9.20
C LEU A 170 6.64 -6.64 9.27
N LYS A 171 6.39 -7.22 10.45
CA LYS A 171 6.06 -8.65 10.52
C LYS A 171 4.91 -9.11 9.61
N ASN A 172 3.92 -8.26 9.39
CA ASN A 172 2.80 -8.59 8.52
C ASN A 172 2.90 -7.99 7.10
N LEU A 173 4.05 -7.40 6.75
CA LEU A 173 4.23 -6.80 5.44
C LEU A 173 5.25 -7.53 4.60
N SER A 174 6.39 -7.89 5.20
CA SER A 174 7.51 -8.39 4.41
C SER A 174 8.49 -9.30 5.15
N ASP A 175 9.34 -10.01 4.38
CA ASP A 175 10.40 -10.87 4.90
C ASP A 175 11.72 -10.11 5.17
N ARG A 176 11.73 -8.77 5.05
CA ARG A 176 12.94 -7.98 5.18
C ARG A 176 12.64 -6.48 5.52
N VAL A 177 13.70 -5.69 5.64
CA VAL A 177 13.66 -4.23 5.81
C VAL A 177 14.51 -3.64 4.70
N VAL A 178 14.06 -2.53 4.08
CA VAL A 178 14.80 -1.78 3.06
C VAL A 178 14.88 -0.36 3.60
N PHE A 179 16.05 0.09 4.05
CA PHE A 179 16.21 1.46 4.54
C PHE A 179 16.29 2.41 3.34
N VAL A 180 15.31 3.28 3.20
CA VAL A 180 15.26 4.23 2.11
C VAL A 180 15.93 5.50 2.62
N LEU A 181 17.06 5.86 1.99
CA LEU A 181 17.87 6.99 2.42
C LEU A 181 17.99 8.13 1.42
N TRP A 182 18.27 9.32 1.94
CA TRP A 182 18.71 10.50 1.23
C TRP A 182 20.07 10.77 1.94
N ALA A 183 21.07 9.93 1.61
CA ALA A 183 22.34 9.83 2.31
C ALA A 183 23.20 11.08 2.36
N HIS A 184 23.45 11.54 3.58
CA HIS A 184 24.38 12.63 3.84
C HIS A 184 25.61 12.19 4.67
N GLY A 185 25.63 10.98 5.21
CA GLY A 185 26.79 10.47 5.95
C GLY A 185 26.54 9.81 7.29
N PHE A 186 25.94 10.53 8.25
CA PHE A 186 25.70 9.98 9.59
C PHE A 186 24.76 8.76 9.66
N GLU A 187 23.80 8.60 8.72
CA GLU A 187 22.93 7.42 8.74
C GLU A 187 23.73 6.15 8.40
N LEU A 188 24.65 6.24 7.44
CA LEU A 188 25.48 5.13 7.00
C LEU A 188 26.52 4.75 8.05
N THR A 189 27.19 5.75 8.66
CA THR A 189 28.19 5.48 9.69
C THR A 189 27.57 5.05 11.02
N SER A 190 26.31 5.41 11.29
CA SER A 190 25.65 4.98 12.52
C SER A 190 25.12 3.54 12.43
N MET A 191 25.07 2.94 11.23
CA MET A 191 24.53 1.61 11.05
C MET A 191 25.29 0.51 11.78
N LYS A 192 26.58 0.65 11.98
CA LYS A 192 27.37 -0.33 12.72
C LYS A 192 26.92 -0.50 14.18
N TYR A 193 26.21 0.49 14.72
CA TYR A 193 25.76 0.46 16.09
C TYR A 193 24.49 -0.36 16.32
N PHE A 194 23.77 -0.71 15.25
CA PHE A 194 22.53 -1.50 15.39
C PHE A 194 22.36 -2.58 14.33
N VAL A 195 23.31 -2.74 13.41
CA VAL A 195 23.20 -3.72 12.33
C VAL A 195 24.34 -4.73 12.40
N LYS A 196 24.02 -6.00 12.15
CA LYS A 196 25.00 -7.07 11.97
C LYS A 196 24.68 -7.73 10.61
N ILE A 197 25.72 -8.13 9.89
CA ILE A 197 25.58 -8.78 8.60
C ILE A 197 26.31 -10.16 8.59
N GLY A 198 25.98 -10.98 7.61
CA GLY A 198 26.58 -12.29 7.46
C GLY A 198 25.82 -13.09 6.44
N PRO A 199 25.99 -14.41 6.47
CA PRO A 199 25.25 -15.26 5.53
C PRO A 199 23.74 -15.21 5.76
N GLU A 200 22.97 -15.56 4.73
CA GLU A 200 21.52 -15.62 4.85
C GLU A 200 21.16 -16.74 5.84
N ARG A 201 20.28 -16.44 6.78
CA ARG A 201 19.91 -17.40 7.81
C ARG A 201 18.41 -17.61 7.94
N THR A 202 18.00 -18.64 8.68
CA THR A 202 16.58 -18.85 8.96
C THR A 202 16.32 -18.55 10.44
N CYS A 203 15.07 -18.29 10.76
CA CYS A 203 14.66 -18.01 12.13
C CYS A 203 14.87 -19.26 13.01
N CYS A 204 15.22 -19.06 14.28
CA CYS A 204 15.40 -20.16 15.23
C CYS A 204 14.05 -20.83 15.56
N LEU A 205 12.94 -20.09 15.52
CA LEU A 205 11.63 -20.63 15.84
C LEU A 205 10.75 -20.97 14.62
N CYS A 206 11.14 -20.54 13.40
CA CYS A 206 10.34 -20.83 12.20
C CYS A 206 11.20 -20.90 10.90
N ASP A 207 10.57 -21.11 9.73
CA ASP A 207 11.30 -21.25 8.48
C ASP A 207 11.53 -19.95 7.72
N ARG A 208 10.98 -18.82 8.19
CA ARG A 208 11.21 -17.53 7.53
C ARG A 208 12.65 -17.07 7.68
N ARG A 209 13.14 -16.22 6.74
CA ARG A 209 14.52 -15.73 6.83
C ARG A 209 14.72 -14.86 8.08
N ALA A 210 15.92 -14.92 8.64
CA ALA A 210 16.34 -14.17 9.80
C ALA A 210 16.47 -12.69 9.41
N THR A 211 15.88 -11.83 10.22
CA THR A 211 15.93 -10.37 10.03
C THR A 211 16.53 -9.66 11.27
N CYS A 212 16.70 -10.40 12.40
CA CYS A 212 17.19 -9.93 13.69
C CYS A 212 18.18 -10.95 14.29
N PHE A 213 19.10 -10.46 15.12
CA PHE A 213 20.07 -11.27 15.82
C PHE A 213 20.06 -10.90 17.31
N SER A 214 20.34 -11.87 18.20
CA SER A 214 20.44 -11.57 19.62
C SER A 214 21.82 -11.91 20.16
N THR A 215 22.55 -10.90 20.72
CA THR A 215 23.85 -11.16 21.35
C THR A 215 23.68 -11.87 22.70
N ALA A 216 22.52 -11.72 23.37
CA ALA A 216 22.26 -12.39 24.64
C ALA A 216 22.17 -13.90 24.45
N SER A 217 21.40 -14.37 23.44
CA SER A 217 21.27 -15.82 23.21
C SER A 217 22.14 -16.41 22.07
N ASP A 218 22.80 -15.56 21.26
CA ASP A 218 23.58 -16.01 20.09
C ASP A 218 22.68 -16.67 19.03
N THR A 219 21.46 -16.18 18.88
CA THR A 219 20.49 -16.76 17.95
C THR A 219 19.92 -15.71 16.96
N TYR A 220 19.18 -16.18 15.93
CA TYR A 220 18.60 -15.37 14.88
C TYR A 220 17.09 -15.56 14.80
N ALA A 221 16.38 -14.52 14.38
CA ALA A 221 14.93 -14.59 14.28
C ALA A 221 14.36 -13.72 13.19
N CYS A 222 13.20 -14.11 12.66
CA CYS A 222 12.40 -13.33 11.71
C CYS A 222 11.70 -12.19 12.53
N TRP A 223 10.91 -11.32 11.85
CA TRP A 223 10.19 -10.24 12.53
C TRP A 223 9.12 -10.76 13.53
N HIS A 224 8.61 -12.02 13.37
CA HIS A 224 7.59 -12.54 14.30
C HIS A 224 8.17 -13.10 15.61
N HIS A 225 9.44 -13.58 15.60
CA HIS A 225 10.00 -14.24 16.78
C HIS A 225 11.15 -13.52 17.43
N SER A 226 11.21 -12.20 17.24
CA SER A 226 12.36 -11.42 17.68
C SER A 226 12.21 -10.63 18.97
N ILE A 227 11.26 -10.96 19.85
CA ILE A 227 11.09 -10.25 21.12
C ILE A 227 12.35 -10.37 21.97
N GLY A 228 12.88 -9.23 22.38
CA GLY A 228 14.11 -9.21 23.15
C GLY A 228 15.38 -9.23 22.32
N PHE A 229 15.29 -9.28 20.96
CA PHE A 229 16.51 -9.26 20.12
C PHE A 229 17.07 -7.84 20.02
N ASP A 230 18.40 -7.71 19.87
CA ASP A 230 19.03 -6.40 19.90
C ASP A 230 19.64 -5.91 18.59
N TYR A 231 19.86 -6.76 17.58
CA TYR A 231 20.48 -6.30 16.33
C TYR A 231 19.69 -6.55 15.09
N VAL A 232 19.64 -5.58 14.17
CA VAL A 232 19.00 -5.79 12.88
C VAL A 232 20.00 -6.64 12.07
N TYR A 233 19.54 -7.72 11.50
CA TYR A 233 20.37 -8.64 10.75
C TYR A 233 20.08 -8.61 9.26
N ASN A 234 21.14 -8.48 8.46
CA ASN A 234 21.10 -8.43 7.00
C ASN A 234 20.02 -7.50 6.44
N PRO A 235 20.02 -6.22 6.87
CA PRO A 235 19.05 -5.28 6.30
C PRO A 235 19.48 -4.87 4.89
N PHE A 236 18.55 -4.30 4.12
CA PHE A 236 18.86 -3.77 2.79
C PHE A 236 18.69 -2.25 2.85
N MET A 237 19.23 -1.55 1.87
CA MET A 237 19.15 -0.10 1.84
C MET A 237 19.37 0.44 0.43
N ILE A 238 18.86 1.65 0.19
CA ILE A 238 18.96 2.30 -1.11
C ILE A 238 19.08 3.80 -0.89
N ASP A 239 20.00 4.44 -1.62
CA ASP A 239 20.19 5.88 -1.50
C ASP A 239 19.55 6.52 -2.71
N VAL A 240 18.46 7.28 -2.47
CA VAL A 240 17.66 8.02 -3.44
C VAL A 240 18.49 9.07 -4.16
N GLN A 241 19.48 9.66 -3.49
CA GLN A 241 20.40 10.60 -4.12
C GLN A 241 21.14 9.97 -5.30
N GLN A 242 21.35 8.63 -5.32
CA GLN A 242 22.01 7.98 -6.46
C GLN A 242 21.18 8.00 -7.75
N TRP A 243 19.91 8.38 -7.66
CA TRP A 243 19.02 8.39 -8.82
C TRP A 243 19.18 9.63 -9.72
N GLY A 244 19.92 10.63 -9.26
CA GLY A 244 20.22 11.80 -10.05
C GLY A 244 19.28 12.96 -9.87
N PHE A 245 19.30 13.56 -8.68
CA PHE A 245 18.44 14.70 -8.40
C PHE A 245 19.25 15.98 -8.33
N THR A 246 18.60 17.12 -8.60
CA THR A 246 19.20 18.44 -8.47
C THR A 246 18.55 19.07 -7.24
N GLY A 247 19.36 19.57 -6.31
CA GLY A 247 18.82 20.19 -5.10
C GLY A 247 18.63 19.24 -3.93
N ASN A 248 18.21 19.79 -2.78
CA ASN A 248 18.05 19.02 -1.56
C ASN A 248 16.73 18.21 -1.52
N LEU A 249 16.58 17.35 -0.49
CA LEU A 249 15.40 16.53 -0.27
C LEU A 249 14.10 17.33 -0.27
N GLN A 250 14.02 18.39 0.54
CA GLN A 250 12.80 19.18 0.61
C GLN A 250 12.36 19.76 -0.74
N SER A 251 13.30 20.34 -1.51
CA SER A 251 12.96 20.91 -2.82
C SER A 251 12.38 19.86 -3.80
N ASN A 252 12.88 18.63 -3.78
CA ASN A 252 12.41 17.59 -4.67
C ASN A 252 11.09 16.95 -4.20
N HIS A 253 10.93 16.79 -2.87
CA HIS A 253 9.73 16.21 -2.29
C HIS A 253 8.55 17.19 -2.49
N ASP A 254 8.74 18.47 -2.16
CA ASP A 254 7.70 19.48 -2.26
C ASP A 254 7.22 19.76 -3.68
N LEU A 255 7.91 19.23 -4.70
CA LEU A 255 7.46 19.38 -6.08
C LEU A 255 6.18 18.59 -6.34
N TYR A 256 5.97 17.48 -5.58
CA TYR A 256 4.87 16.55 -5.75
C TYR A 256 4.03 16.32 -4.51
N CYS A 257 4.41 16.87 -3.33
CA CYS A 257 3.68 16.58 -2.10
C CYS A 257 3.58 17.75 -1.15
N GLN A 258 2.36 18.08 -0.77
CA GLN A 258 2.06 19.15 0.19
C GLN A 258 1.59 18.62 1.57
N VAL A 259 1.42 17.29 1.70
CA VAL A 259 0.93 16.63 2.91
C VAL A 259 2.03 16.45 3.98
N HIS A 260 3.24 16.12 3.55
CA HIS A 260 4.35 15.97 4.48
C HIS A 260 5.08 17.29 4.55
N GLY A 261 5.26 17.79 5.77
CA GLY A 261 5.98 19.03 5.99
C GLY A 261 7.39 18.79 6.49
N ASN A 262 8.08 19.86 6.92
CA ASN A 262 9.41 19.70 7.46
C ASN A 262 9.65 20.46 8.75
N ALA A 263 9.30 19.84 9.90
CA ALA A 263 9.56 20.46 11.20
C ALA A 263 11.08 20.63 11.47
N HIS A 264 11.94 19.89 10.73
CA HIS A 264 13.40 19.82 10.82
C HIS A 264 13.88 18.65 11.71
N VAL A 265 12.98 17.70 12.04
CA VAL A 265 13.36 16.51 12.79
C VAL A 265 13.67 15.37 11.82
N ALA A 266 14.51 14.43 12.25
CA ALA A 266 14.94 13.31 11.45
C ALA A 266 13.79 12.49 10.84
N SER A 267 12.70 12.25 11.59
CA SER A 267 11.56 11.48 11.07
C SER A 267 10.81 12.20 9.94
N CYS A 268 10.78 13.55 9.94
CA CYS A 268 10.16 14.34 8.85
C CYS A 268 10.95 14.08 7.53
N ASP A 269 12.28 14.01 7.63
CA ASP A 269 13.14 13.73 6.51
C ASP A 269 12.97 12.29 6.02
N ALA A 270 12.89 11.34 6.95
CA ALA A 270 12.69 9.92 6.68
C ALA A 270 11.36 9.68 5.94
N ILE A 271 10.32 10.41 6.35
CA ILE A 271 9.00 10.39 5.75
C ILE A 271 9.04 10.99 4.34
N MET A 272 9.67 12.16 4.17
CA MET A 272 9.83 12.83 2.86
C MET A 272 10.64 11.95 1.87
N THR A 273 11.70 11.27 2.38
CA THR A 273 12.58 10.42 1.58
C THR A 273 11.80 9.26 0.95
N ARG A 274 11.04 8.51 1.80
CA ARG A 274 10.23 7.37 1.37
C ARG A 274 9.09 7.84 0.47
N CYS A 275 8.46 9.00 0.78
CA CYS A 275 7.43 9.59 -0.07
C CYS A 275 8.01 9.90 -1.48
N LEU A 276 9.18 10.56 -1.55
CA LEU A 276 9.80 10.87 -2.83
C LEU A 276 10.14 9.59 -3.61
N ALA A 277 10.67 8.56 -2.92
CA ALA A 277 10.99 7.26 -3.53
C ALA A 277 9.72 6.60 -4.13
N VAL A 278 8.56 6.65 -3.40
CA VAL A 278 7.26 6.11 -3.81
C VAL A 278 6.76 6.90 -5.04
N HIS A 279 6.91 8.24 -5.06
CA HIS A 279 6.53 9.05 -6.23
C HIS A 279 7.31 8.66 -7.49
N GLU A 280 8.62 8.45 -7.37
CA GLU A 280 9.46 8.08 -8.49
C GLU A 280 9.19 6.68 -9.03
N CYS A 281 8.91 5.75 -8.13
CA CYS A 281 8.75 4.36 -8.50
C CYS A 281 7.32 3.93 -8.77
N PHE A 282 6.30 4.71 -8.33
CA PHE A 282 4.90 4.29 -8.48
C PHE A 282 3.96 5.36 -9.03
N VAL A 283 4.29 6.65 -8.85
CA VAL A 283 3.44 7.71 -9.33
C VAL A 283 3.81 8.06 -10.78
N LYS A 284 5.07 8.45 -11.03
CA LYS A 284 5.51 8.82 -12.37
C LYS A 284 5.99 7.62 -13.22
N ARG A 285 6.23 6.46 -12.59
CA ARG A 285 6.63 5.25 -13.29
C ARG A 285 5.68 4.17 -12.83
N VAL A 286 4.96 3.52 -13.76
CA VAL A 286 4.01 2.48 -13.37
C VAL A 286 4.36 1.13 -13.98
N ASP A 287 4.48 0.09 -13.14
CA ASP A 287 4.76 -1.25 -13.64
C ASP A 287 3.73 -2.22 -13.10
N TRP A 288 2.66 -2.46 -13.85
CA TRP A 288 1.63 -3.39 -13.41
C TRP A 288 1.98 -4.88 -13.70
N THR A 289 3.21 -5.18 -14.13
CA THR A 289 3.63 -6.55 -14.35
C THR A 289 4.27 -7.15 -13.08
N ILE A 290 4.83 -6.33 -12.19
CA ILE A 290 5.43 -6.81 -10.96
C ILE A 290 4.37 -7.44 -10.05
N GLU A 291 4.57 -8.70 -9.71
CA GLU A 291 3.68 -9.48 -8.87
C GLU A 291 4.15 -9.42 -7.43
N TYR A 292 3.24 -9.22 -6.49
CA TYR A 292 3.59 -9.18 -5.07
C TYR A 292 2.98 -10.38 -4.33
N PRO A 293 3.68 -10.91 -3.32
CA PRO A 293 3.15 -12.08 -2.60
C PRO A 293 1.85 -11.84 -1.81
N ILE A 294 1.14 -12.93 -1.51
CA ILE A 294 -0.08 -12.85 -0.73
C ILE A 294 0.33 -12.77 0.73
N ILE A 295 -0.09 -11.72 1.42
CA ILE A 295 0.25 -11.53 2.82
C ILE A 295 -0.96 -11.37 3.74
N GLY A 296 -2.17 -11.38 3.16
CA GLY A 296 -3.41 -11.21 3.89
C GLY A 296 -4.61 -11.78 3.17
N ASP A 297 -5.68 -10.99 3.10
CA ASP A 297 -6.96 -11.40 2.52
C ASP A 297 -7.13 -11.06 1.05
N GLU A 298 -6.02 -10.89 0.31
CA GLU A 298 -6.05 -10.55 -1.13
C GLU A 298 -7.08 -11.32 -1.95
N LEU A 299 -7.04 -12.66 -1.93
CA LEU A 299 -7.95 -13.46 -2.72
C LEU A 299 -9.41 -13.29 -2.38
N LYS A 300 -9.73 -13.13 -1.08
CA LYS A 300 -11.11 -12.95 -0.65
C LYS A 300 -11.64 -11.60 -1.03
N ILE A 301 -10.82 -10.55 -0.87
CA ILE A 301 -11.17 -9.17 -1.21
C ILE A 301 -11.50 -9.07 -2.70
N ASN A 302 -10.68 -9.72 -3.54
CA ASN A 302 -10.88 -9.65 -4.98
C ASN A 302 -12.14 -10.40 -5.38
N ALA A 303 -12.37 -11.56 -4.78
CA ALA A 303 -13.56 -12.36 -5.05
C ALA A 303 -14.83 -11.60 -4.61
N ALA A 304 -14.75 -10.91 -3.46
CA ALA A 304 -15.81 -10.11 -2.88
C ALA A 304 -16.14 -8.94 -3.79
N CYS A 305 -15.14 -8.28 -4.36
CA CYS A 305 -15.28 -7.13 -5.25
C CYS A 305 -16.08 -7.50 -6.48
N ARG A 306 -15.80 -8.68 -7.04
CA ARG A 306 -16.48 -9.23 -8.21
C ARG A 306 -17.94 -9.59 -7.87
N LYS A 307 -18.19 -10.13 -6.65
CA LYS A 307 -19.55 -10.49 -6.24
C LYS A 307 -20.38 -9.24 -6.04
N VAL A 308 -19.81 -8.21 -5.36
CA VAL A 308 -20.50 -6.95 -5.09
C VAL A 308 -20.80 -6.21 -6.38
N GLN A 309 -19.83 -6.18 -7.31
CA GLN A 309 -20.02 -5.51 -8.59
C GLN A 309 -21.18 -6.07 -9.39
N HIS A 310 -21.23 -7.40 -9.54
CA HIS A 310 -22.30 -8.04 -10.28
C HIS A 310 -23.66 -7.77 -9.62
N MET A 311 -23.71 -7.87 -8.28
CA MET A 311 -24.90 -7.61 -7.49
C MET A 311 -25.40 -6.18 -7.64
N VAL A 312 -24.54 -5.19 -7.42
CA VAL A 312 -24.95 -3.81 -7.44
C VAL A 312 -25.35 -3.34 -8.83
N VAL A 313 -24.67 -3.84 -9.85
CA VAL A 313 -24.96 -3.43 -11.22
C VAL A 313 -26.21 -4.14 -11.73
N LYS A 314 -26.37 -5.43 -11.40
CA LYS A 314 -27.57 -6.18 -11.79
C LYS A 314 -28.83 -5.51 -11.19
N ALA A 315 -28.75 -5.10 -9.91
CA ALA A 315 -29.90 -4.49 -9.25
C ALA A 315 -30.21 -3.10 -9.76
N ALA A 316 -29.21 -2.33 -10.19
CA ALA A 316 -29.46 -0.99 -10.73
C ALA A 316 -30.20 -1.10 -12.08
N LEU A 317 -29.80 -2.06 -12.90
CA LEU A 317 -30.42 -2.31 -14.18
C LEU A 317 -31.84 -2.82 -14.04
N LEU A 318 -32.14 -3.59 -12.98
CA LEU A 318 -33.50 -4.09 -12.75
C LEU A 318 -34.39 -3.01 -12.18
N ALA A 319 -33.86 -2.18 -11.24
CA ALA A 319 -34.66 -1.14 -10.58
C ALA A 319 -35.01 0.04 -11.45
N ASP A 320 -34.04 0.53 -12.26
CA ASP A 320 -34.24 1.71 -13.07
C ASP A 320 -34.26 1.46 -14.57
N LYS A 321 -34.09 0.21 -15.01
CA LYS A 321 -34.16 -0.22 -16.41
C LYS A 321 -33.46 0.70 -17.42
N PHE A 322 -32.21 1.08 -17.16
CA PHE A 322 -31.46 1.94 -18.07
C PHE A 322 -31.27 1.26 -19.41
N PRO A 323 -31.44 1.99 -20.53
CA PRO A 323 -31.23 1.37 -21.86
C PRO A 323 -29.75 1.22 -22.23
N VAL A 324 -28.88 2.07 -21.66
CA VAL A 324 -27.44 2.04 -21.95
C VAL A 324 -26.61 2.17 -20.66
N LEU A 325 -25.48 1.45 -20.59
CA LEU A 325 -24.53 1.51 -19.50
C LEU A 325 -23.14 1.90 -20.09
N HIS A 326 -22.54 2.97 -19.56
CA HIS A 326 -21.23 3.50 -19.98
C HIS A 326 -20.22 3.02 -18.96
N ASP A 327 -19.42 2.02 -19.32
CA ASP A 327 -18.47 1.40 -18.42
C ASP A 327 -17.11 2.08 -18.61
N ILE A 328 -16.77 3.01 -17.71
CA ILE A 328 -15.55 3.79 -17.78
C ILE A 328 -14.49 3.30 -16.81
N GLY A 329 -13.36 2.86 -17.34
CA GLY A 329 -12.27 2.37 -16.50
C GLY A 329 -11.42 1.34 -17.18
N ASN A 330 -10.88 0.40 -16.40
CA ASN A 330 -9.95 -0.64 -16.89
C ASN A 330 -10.17 -1.14 -18.32
N PRO A 331 -9.19 -0.92 -19.22
CA PRO A 331 -9.38 -1.37 -20.60
C PRO A 331 -9.52 -2.88 -20.78
N LYS A 332 -9.19 -3.68 -19.75
CA LYS A 332 -9.35 -5.13 -19.84
C LYS A 332 -10.70 -5.59 -19.21
N ALA A 333 -11.68 -4.69 -18.99
CA ALA A 333 -12.95 -5.05 -18.37
C ALA A 333 -13.87 -5.94 -19.20
N ILE A 334 -14.57 -6.82 -18.49
CA ILE A 334 -15.59 -7.72 -19.01
C ILE A 334 -16.94 -7.23 -18.47
N LYS A 335 -18.05 -7.50 -19.19
CA LYS A 335 -19.40 -7.17 -18.71
C LYS A 335 -19.65 -7.92 -17.36
N CYS A 336 -19.86 -7.18 -16.27
CA CYS A 336 -20.06 -7.82 -14.96
C CYS A 336 -21.43 -8.47 -14.82
N VAL A 337 -22.42 -8.05 -15.63
CA VAL A 337 -23.78 -8.61 -15.67
C VAL A 337 -24.03 -9.08 -17.12
N PRO A 338 -23.45 -10.22 -17.53
CA PRO A 338 -23.54 -10.67 -18.93
C PRO A 338 -24.93 -10.98 -19.52
N GLN A 339 -25.94 -11.18 -18.67
CA GLN A 339 -27.27 -11.48 -19.19
C GLN A 339 -28.18 -10.24 -19.27
N ALA A 340 -27.76 -9.09 -18.71
CA ALA A 340 -28.57 -7.86 -18.76
C ALA A 340 -28.90 -7.41 -20.19
N ASP A 341 -30.13 -6.91 -20.40
CA ASP A 341 -30.61 -6.51 -21.73
C ASP A 341 -29.89 -5.32 -22.35
N VAL A 342 -29.35 -4.45 -21.49
CA VAL A 342 -28.67 -3.18 -21.73
C VAL A 342 -27.57 -3.17 -22.81
N GLU A 343 -27.48 -2.03 -23.50
CA GLU A 343 -26.44 -1.74 -24.47
C GLU A 343 -25.21 -1.43 -23.64
N TRP A 344 -24.22 -2.33 -23.64
CA TRP A 344 -23.01 -2.14 -22.86
C TRP A 344 -21.90 -1.50 -23.71
N LYS A 345 -21.45 -0.29 -23.30
CA LYS A 345 -20.44 0.49 -24.01
C LYS A 345 -19.24 0.75 -23.11
N PHE A 346 -18.06 0.31 -23.54
CA PHE A 346 -16.79 0.43 -22.79
C PHE A 346 -15.91 1.63 -23.21
N TYR A 347 -15.27 2.26 -22.23
CA TYR A 347 -14.37 3.40 -22.40
C TYR A 347 -13.15 3.08 -21.54
N ASP A 348 -11.96 3.14 -22.17
CA ASP A 348 -10.66 2.79 -21.57
C ASP A 348 -10.01 3.89 -20.77
N ALA A 349 -9.71 3.61 -19.51
CA ALA A 349 -9.00 4.52 -18.65
C ALA A 349 -8.30 3.72 -17.59
N GLN A 350 -6.98 3.61 -17.69
CA GLN A 350 -6.09 2.93 -16.75
C GLN A 350 -6.20 3.53 -15.34
N PRO A 351 -5.81 2.78 -14.29
CA PRO A 351 -5.84 3.35 -12.93
C PRO A 351 -4.93 4.57 -12.83
N CYS A 352 -5.48 5.74 -12.46
CA CYS A 352 -4.68 6.95 -12.33
C CYS A 352 -3.90 6.86 -11.04
N SER A 353 -2.59 7.06 -11.12
CA SER A 353 -1.73 6.98 -9.94
C SER A 353 -1.31 8.35 -9.40
N ASP A 354 -1.47 9.43 -10.19
CA ASP A 354 -1.04 10.75 -9.77
C ASP A 354 -2.25 11.55 -9.26
N LYS A 355 -2.97 12.25 -10.14
CA LYS A 355 -4.16 12.98 -9.75
C LYS A 355 -5.39 12.28 -10.33
N ALA A 356 -6.54 12.46 -9.68
CA ALA A 356 -7.79 11.86 -10.17
C ALA A 356 -8.14 12.41 -11.55
N TYR A 357 -8.72 11.59 -12.41
CA TYR A 357 -9.14 12.00 -13.75
C TYR A 357 -10.13 13.15 -13.70
N LYS A 358 -10.02 14.07 -14.65
CA LYS A 358 -10.97 15.16 -14.74
C LYS A 358 -12.11 14.62 -15.60
N ILE A 359 -13.36 14.61 -15.07
CA ILE A 359 -14.52 14.13 -15.83
C ILE A 359 -14.68 14.93 -17.15
N GLU A 360 -14.24 16.19 -17.18
CA GLU A 360 -14.29 17.01 -18.38
C GLU A 360 -13.39 16.42 -19.47
N GLU A 361 -12.24 15.81 -19.10
CA GLU A 361 -11.36 15.21 -20.10
C GLU A 361 -11.83 13.80 -20.49
N LEU A 362 -12.37 13.00 -19.55
CA LEU A 362 -12.86 11.65 -19.90
C LEU A 362 -14.02 11.71 -20.89
N PHE A 363 -14.89 12.70 -20.73
CA PHE A 363 -16.08 12.79 -21.56
C PHE A 363 -15.93 13.61 -22.83
N TYR A 364 -14.83 14.38 -22.96
CA TYR A 364 -14.57 15.23 -24.13
C TYR A 364 -14.40 14.48 -25.45
N SER A 365 -15.28 14.74 -26.42
CA SER A 365 -15.15 14.13 -27.74
C SER A 365 -14.39 15.12 -28.61
N TYR A 366 -13.20 14.75 -29.12
CA TYR A 366 -12.45 15.66 -29.98
C TYR A 366 -13.25 16.05 -31.25
N ASP A 371 -21.95 8.34 -27.23
CA ASP A 371 -21.38 9.63 -26.82
C ASP A 371 -22.28 10.41 -25.83
N LYS A 372 -23.52 9.95 -25.60
CA LYS A 372 -24.45 10.60 -24.66
C LYS A 372 -24.33 9.99 -23.25
N PHE A 373 -23.38 10.51 -22.46
CA PHE A 373 -23.11 10.06 -21.09
C PHE A 373 -24.24 10.32 -20.11
N THR A 374 -25.09 11.31 -20.41
CA THR A 374 -26.28 11.64 -19.60
C THR A 374 -27.42 10.62 -19.81
N ASP A 375 -27.36 9.82 -20.90
CA ASP A 375 -28.32 8.76 -21.18
C ASP A 375 -27.90 7.50 -20.40
N GLY A 376 -28.87 6.83 -19.80
CA GLY A 376 -28.65 5.62 -19.03
C GLY A 376 -27.78 5.83 -17.80
N VAL A 377 -26.86 4.89 -17.55
CA VAL A 377 -26.04 4.98 -16.35
C VAL A 377 -24.53 4.85 -16.64
N CYS A 378 -23.70 5.48 -15.80
CA CYS A 378 -22.26 5.47 -15.91
C CYS A 378 -21.71 4.58 -14.80
N LEU A 379 -20.81 3.65 -15.13
CA LEU A 379 -20.22 2.74 -14.15
C LEU A 379 -18.74 3.09 -14.02
N PHE A 380 -18.33 3.52 -12.82
CA PHE A 380 -16.95 3.89 -12.53
C PHE A 380 -16.45 2.96 -11.44
N TRP A 381 -16.05 1.73 -11.82
CA TRP A 381 -15.58 0.75 -10.84
C TRP A 381 -14.08 0.89 -10.70
N ASN A 382 -13.67 1.54 -9.60
CA ASN A 382 -12.28 1.90 -9.34
C ASN A 382 -11.71 2.80 -10.42
N CYS A 383 -12.52 3.74 -10.95
CA CYS A 383 -12.03 4.71 -11.90
C CYS A 383 -12.14 6.04 -11.16
N ASN A 384 -11.02 6.51 -10.58
CA ASN A 384 -11.00 7.68 -9.71
C ASN A 384 -11.14 9.00 -10.46
N VAL A 385 -12.33 9.62 -10.46
CA VAL A 385 -12.51 10.89 -11.15
C VAL A 385 -12.71 12.04 -10.12
N ASP A 386 -12.58 13.31 -10.57
CA ASP A 386 -12.72 14.47 -9.70
C ASP A 386 -14.18 14.73 -9.18
N ARG A 387 -15.16 14.50 -10.03
CA ARG A 387 -16.55 14.71 -9.71
C ARG A 387 -17.34 13.77 -10.57
N TYR A 388 -18.01 12.81 -9.92
CA TYR A 388 -18.83 11.86 -10.66
C TYR A 388 -20.14 12.50 -11.14
N PRO A 389 -20.60 12.14 -12.35
CA PRO A 389 -21.92 12.59 -12.79
C PRO A 389 -23.02 11.99 -11.90
N ALA A 390 -24.18 12.64 -11.83
CA ALA A 390 -25.31 12.18 -11.02
C ALA A 390 -25.82 10.78 -11.39
N ASN A 391 -25.82 10.40 -12.69
CA ASN A 391 -26.29 9.05 -13.10
C ASN A 391 -25.15 8.00 -13.01
N SER A 392 -24.54 7.80 -11.80
CA SER A 392 -23.39 6.90 -11.71
C SER A 392 -23.49 5.83 -10.65
N ILE A 393 -22.77 4.71 -10.83
CA ILE A 393 -22.57 3.59 -9.92
C ILE A 393 -21.05 3.61 -9.73
N VAL A 394 -20.59 3.84 -8.50
CA VAL A 394 -19.18 4.03 -8.22
C VAL A 394 -18.57 3.21 -7.11
N CYS A 395 -17.40 2.62 -7.39
CA CYS A 395 -16.57 2.00 -6.37
C CYS A 395 -15.29 2.86 -6.28
N ARG A 396 -15.03 3.46 -5.12
CA ARG A 396 -13.86 4.31 -4.92
C ARG A 396 -13.03 3.83 -3.73
N PHE A 397 -11.72 3.53 -3.95
CA PHE A 397 -10.86 3.10 -2.85
C PHE A 397 -10.58 4.26 -1.91
N ASP A 398 -10.82 4.07 -0.61
CA ASP A 398 -10.57 5.08 0.42
C ASP A 398 -9.13 4.94 0.85
N THR A 399 -8.29 5.88 0.42
CA THR A 399 -6.85 5.86 0.70
C THR A 399 -6.53 5.99 2.21
N ARG A 400 -7.48 6.49 3.03
CA ARG A 400 -7.25 6.66 4.46
C ARG A 400 -7.27 5.36 5.25
N VAL A 401 -7.71 4.25 4.63
CA VAL A 401 -7.86 2.96 5.29
C VAL A 401 -6.56 2.38 5.87
N LEU A 402 -6.65 1.87 7.12
CA LEU A 402 -5.50 1.22 7.75
C LEU A 402 -5.54 -0.28 7.50
N SER A 403 -4.55 -0.82 6.77
CA SER A 403 -4.44 -2.27 6.51
C SER A 403 -3.04 -2.65 6.04
N ASN A 404 -2.71 -3.94 6.11
CA ASN A 404 -1.43 -4.45 5.63
C ASN A 404 -1.29 -4.33 4.09
N LEU A 405 -2.41 -4.15 3.37
CA LEU A 405 -2.39 -3.98 1.92
C LEU A 405 -2.14 -2.52 1.49
N ASN A 406 -2.62 -1.58 2.29
CA ASN A 406 -2.52 -0.16 2.00
C ASN A 406 -1.29 0.48 2.69
N LEU A 407 -0.30 0.89 1.91
CA LEU A 407 0.89 1.53 2.45
C LEU A 407 0.77 3.05 2.26
N PRO A 408 1.37 3.86 3.16
CA PRO A 408 1.33 5.33 2.98
C PRO A 408 1.91 5.77 1.63
N GLY A 409 1.36 6.83 1.07
CA GLY A 409 1.74 7.29 -0.24
C GLY A 409 2.13 8.74 -0.36
N CYS A 410 2.07 9.25 -1.60
N CYS A 410 2.02 9.26 -1.58
CA CYS A 410 2.49 10.59 -1.99
CA CYS A 410 2.40 10.62 -1.92
C CYS A 410 1.30 11.55 -2.13
C CYS A 410 1.24 11.53 -2.04
N ASP A 411 1.42 12.77 -1.57
CA ASP A 411 0.41 13.83 -1.64
C ASP A 411 -0.99 13.43 -1.13
N GLY A 412 -1.05 12.64 -0.07
CA GLY A 412 -2.31 12.17 0.48
C GLY A 412 -2.76 10.83 -0.06
N GLY A 413 -2.24 10.45 -1.23
CA GLY A 413 -2.56 9.17 -1.83
C GLY A 413 -1.98 8.01 -1.03
N SER A 414 -2.26 6.80 -1.47
CA SER A 414 -1.80 5.61 -0.77
C SER A 414 -1.36 4.60 -1.79
N LEU A 415 -0.55 3.64 -1.36
CA LEU A 415 -0.05 2.61 -2.27
C LEU A 415 -0.75 1.34 -1.94
N TYR A 416 -1.77 1.00 -2.72
CA TYR A 416 -2.55 -0.22 -2.47
C TYR A 416 -1.86 -1.37 -3.14
N VAL A 417 -1.39 -2.36 -2.36
CA VAL A 417 -0.64 -3.47 -2.95
C VAL A 417 -1.38 -4.77 -2.77
N ASN A 418 -1.98 -5.28 -3.85
CA ASN A 418 -2.75 -6.52 -3.88
C ASN A 418 -2.51 -7.15 -5.25
N LYS A 419 -1.53 -8.09 -5.31
CA LYS A 419 -1.02 -8.78 -6.51
C LYS A 419 -0.18 -7.80 -7.36
N HIS A 420 -0.68 -6.59 -7.53
CA HIS A 420 -0.03 -5.51 -8.22
C HIS A 420 -0.03 -4.28 -7.31
N ALA A 421 0.89 -3.33 -7.57
CA ALA A 421 0.98 -2.12 -6.77
C ALA A 421 0.23 -1.01 -7.50
N PHE A 422 -0.64 -0.30 -6.80
CA PHE A 422 -1.44 0.76 -7.38
C PHE A 422 -1.42 1.97 -6.47
N HIS A 423 -0.68 3.02 -6.86
CA HIS A 423 -0.70 4.25 -6.08
C HIS A 423 -2.02 4.91 -6.45
N THR A 424 -2.83 5.24 -5.44
CA THR A 424 -4.19 5.77 -5.62
C THR A 424 -4.21 7.20 -5.14
N PRO A 425 -4.80 8.12 -5.93
CA PRO A 425 -4.88 9.53 -5.49
C PRO A 425 -5.76 9.68 -4.27
N ALA A 426 -5.46 10.67 -3.43
CA ALA A 426 -6.19 10.89 -2.18
C ALA A 426 -7.71 10.87 -2.30
N PHE A 427 -8.35 10.18 -1.33
CA PHE A 427 -9.80 10.11 -1.21
C PHE A 427 -10.33 11.55 -0.99
N ASP A 428 -11.36 11.93 -1.73
CA ASP A 428 -11.91 13.26 -1.68
C ASP A 428 -13.43 13.16 -1.64
N LYS A 429 -14.04 13.49 -0.49
CA LYS A 429 -15.49 13.39 -0.31
C LYS A 429 -16.29 14.22 -1.30
N SER A 430 -15.74 15.35 -1.76
CA SER A 430 -16.41 16.21 -2.74
C SER A 430 -16.58 15.56 -4.12
N ALA A 431 -15.87 14.45 -4.41
CA ALA A 431 -16.03 13.73 -5.67
C ALA A 431 -17.45 13.18 -5.85
N PHE A 432 -18.11 12.87 -4.73
CA PHE A 432 -19.41 12.22 -4.67
C PHE A 432 -20.59 13.13 -4.32
N VAL A 433 -20.48 14.45 -4.54
CA VAL A 433 -21.57 15.39 -4.21
C VAL A 433 -22.86 15.13 -4.97
N ASN A 434 -22.81 14.64 -6.22
CA ASN A 434 -24.04 14.35 -6.97
C ASN A 434 -24.65 12.98 -6.67
N LEU A 435 -23.99 12.18 -5.84
CA LEU A 435 -24.41 10.82 -5.52
C LEU A 435 -24.75 10.65 -4.01
N LYS A 436 -25.15 9.43 -3.61
CA LYS A 436 -25.37 9.11 -2.20
C LYS A 436 -24.60 7.79 -1.88
N GLN A 437 -24.41 7.51 -0.59
CA GLN A 437 -23.76 6.26 -0.18
C GLN A 437 -24.71 5.10 -0.54
N LEU A 438 -24.17 4.04 -1.13
CA LEU A 438 -24.98 2.89 -1.50
C LEU A 438 -25.17 2.01 -0.26
N PRO A 439 -26.44 1.77 0.14
CA PRO A 439 -26.66 0.93 1.32
C PRO A 439 -26.52 -0.56 1.02
N PHE A 440 -26.29 -1.35 2.07
CA PHE A 440 -26.20 -2.79 1.90
C PHE A 440 -27.58 -3.35 1.53
N PHE A 441 -27.57 -4.34 0.66
CA PHE A 441 -28.73 -5.11 0.27
C PHE A 441 -28.21 -6.33 -0.46
N TYR A 442 -28.98 -7.39 -0.41
CA TYR A 442 -28.68 -8.62 -1.13
C TYR A 442 -29.90 -8.85 -2.02
N TYR A 443 -29.70 -9.14 -3.30
CA TYR A 443 -30.83 -9.39 -4.20
C TYR A 443 -30.61 -10.74 -4.88
N SER A 444 -31.67 -11.51 -5.07
CA SER A 444 -31.59 -12.76 -5.78
C SER A 444 -32.93 -13.15 -6.38
N ASP A 445 -32.90 -13.55 -7.64
CA ASP A 445 -34.07 -14.09 -8.32
C ASP A 445 -33.91 -15.61 -8.60
N SER A 446 -32.84 -16.25 -8.05
CA SER A 446 -32.58 -17.67 -8.22
C SER A 446 -33.65 -18.48 -7.49
N PRO A 447 -33.99 -19.67 -8.02
CA PRO A 447 -35.02 -20.48 -7.35
C PRO A 447 -34.74 -20.79 -5.88
N CYS A 448 -35.79 -20.89 -5.07
CA CYS A 448 -35.63 -21.22 -3.67
C CYS A 448 -35.45 -22.74 -3.58
N GLU A 449 -34.21 -23.20 -3.59
CA GLU A 449 -33.87 -24.63 -3.57
C GLU A 449 -32.55 -24.85 -2.82
N SER A 450 -32.63 -25.58 -1.67
CA SER A 450 -31.54 -25.85 -0.72
C SER A 450 -30.26 -26.45 -1.35
N HIS A 451 -30.32 -27.71 -1.82
CA HIS A 451 -29.22 -28.44 -2.46
C HIS A 451 -27.93 -28.56 -1.60
N GLY A 452 -27.68 -29.76 -1.09
CA GLY A 452 -26.48 -30.05 -0.30
C GLY A 452 -26.73 -30.59 1.09
N ILE A 459 -22.07 -26.87 7.41
CA ILE A 459 -22.90 -25.68 7.59
C ILE A 459 -24.26 -26.04 8.23
N ASP A 460 -24.71 -25.25 9.22
CA ASP A 460 -26.00 -25.48 9.89
C ASP A 460 -26.99 -24.27 9.66
N TYR A 461 -27.99 -24.04 10.56
CA TYR A 461 -28.97 -22.97 10.32
C TYR A 461 -29.77 -22.45 11.55
N VAL A 462 -29.99 -21.12 11.56
CA VAL A 462 -30.82 -20.31 12.46
C VAL A 462 -31.65 -19.45 11.49
N PRO A 463 -32.98 -19.39 11.62
CA PRO A 463 -33.78 -18.64 10.63
C PRO A 463 -33.37 -17.19 10.44
N LEU A 464 -33.24 -16.74 9.18
CA LEU A 464 -32.84 -15.38 8.92
C LEU A 464 -34.03 -14.47 8.76
N LYS A 465 -34.00 -13.35 9.47
CA LYS A 465 -34.99 -12.30 9.36
C LYS A 465 -34.21 -11.03 8.98
N SER A 466 -34.49 -10.48 7.79
CA SER A 466 -33.82 -9.27 7.37
C SER A 466 -34.66 -8.48 6.41
N ALA A 467 -34.70 -7.16 6.59
CA ALA A 467 -35.41 -6.31 5.62
C ALA A 467 -34.59 -6.12 4.33
N THR A 468 -33.28 -6.43 4.34
CA THR A 468 -32.43 -6.24 3.15
C THR A 468 -32.17 -7.52 2.35
N CYS A 469 -32.94 -8.60 2.63
CA CYS A 469 -32.84 -9.83 1.84
C CYS A 469 -33.93 -9.70 0.78
N ILE A 470 -33.61 -9.12 -0.38
CA ILE A 470 -34.62 -8.93 -1.44
C ILE A 470 -34.75 -10.21 -2.32
N THR A 471 -35.64 -11.12 -1.88
CA THR A 471 -35.93 -12.42 -2.51
C THR A 471 -37.44 -12.70 -2.51
N ARG A 472 -37.89 -13.62 -3.39
CA ARG A 472 -39.29 -14.07 -3.49
C ARG A 472 -39.77 -14.65 -2.16
N CYS A 473 -38.89 -15.39 -1.47
CA CYS A 473 -39.21 -16.01 -0.20
C CYS A 473 -39.41 -14.99 0.90
N ASN A 474 -38.63 -13.90 0.88
CA ASN A 474 -38.80 -12.84 1.87
C ASN A 474 -40.07 -12.02 1.56
N LEU A 475 -40.37 -11.82 0.28
CA LEU A 475 -41.58 -11.14 -0.18
C LEU A 475 -42.81 -11.91 0.35
N GLY A 476 -42.77 -13.24 0.23
CA GLY A 476 -43.83 -14.10 0.67
C GLY A 476 -43.72 -14.59 2.10
N GLY A 477 -43.10 -13.82 2.99
CA GLY A 477 -43.05 -14.18 4.41
C GLY A 477 -41.73 -14.70 4.94
N ALA A 478 -41.49 -16.01 4.84
CA ALA A 478 -40.27 -16.64 5.38
C ALA A 478 -39.07 -16.85 4.38
N VAL A 479 -37.85 -16.36 4.74
CA VAL A 479 -36.67 -16.60 3.91
C VAL A 479 -36.28 -18.09 3.95
N CYS A 480 -36.14 -18.73 2.76
CA CYS A 480 -35.72 -20.12 2.62
C CYS A 480 -34.24 -20.31 3.04
N ARG A 481 -33.83 -21.55 3.37
CA ARG A 481 -32.46 -21.84 3.81
C ARG A 481 -31.38 -21.43 2.78
N HIS A 482 -31.64 -21.69 1.48
CA HIS A 482 -30.72 -21.33 0.40
C HIS A 482 -30.41 -19.83 0.37
N HIS A 483 -31.46 -18.98 0.34
CA HIS A 483 -31.25 -17.54 0.29
C HIS A 483 -30.68 -17.00 1.62
N ALA A 484 -30.90 -17.69 2.75
CA ALA A 484 -30.33 -17.28 4.02
C ALA A 484 -28.82 -17.55 4.02
N ASN A 485 -28.38 -18.70 3.45
CA ASN A 485 -26.95 -19.07 3.35
C ASN A 485 -26.24 -18.12 2.41
N GLU A 486 -26.87 -17.84 1.26
CA GLU A 486 -26.38 -16.93 0.23
C GLU A 486 -26.36 -15.51 0.70
N TYR A 487 -27.28 -15.13 1.60
CA TYR A 487 -27.31 -13.77 2.12
C TYR A 487 -26.15 -13.59 3.09
N ARG A 488 -25.92 -14.58 3.98
CA ARG A 488 -24.86 -14.45 4.97
C ARG A 488 -23.48 -14.48 4.35
N LEU A 489 -23.30 -15.23 3.24
CA LEU A 489 -22.07 -15.29 2.48
C LEU A 489 -21.84 -14.00 1.75
N TYR A 490 -22.91 -13.40 1.18
CA TYR A 490 -22.79 -12.12 0.48
C TYR A 490 -22.48 -11.00 1.45
N LEU A 491 -23.13 -10.99 2.61
CA LEU A 491 -22.86 -9.98 3.64
C LEU A 491 -21.38 -10.09 4.10
N ASP A 492 -20.85 -11.32 4.20
CA ASP A 492 -19.45 -11.51 4.57
C ASP A 492 -18.51 -10.90 3.57
N ALA A 493 -18.74 -11.13 2.24
CA ALA A 493 -17.96 -10.56 1.15
C ALA A 493 -18.08 -9.02 1.12
N TYR A 494 -19.28 -8.52 1.36
CA TYR A 494 -19.54 -7.10 1.44
C TYR A 494 -18.70 -6.44 2.56
N ASN A 495 -18.74 -6.99 3.79
CA ASN A 495 -17.96 -6.46 4.91
C ASN A 495 -16.45 -6.55 4.65
N MET A 496 -16.02 -7.59 3.94
CA MET A 496 -14.63 -7.81 3.60
C MET A 496 -14.15 -6.67 2.65
N MET A 497 -14.91 -6.40 1.60
CA MET A 497 -14.61 -5.36 0.63
C MET A 497 -14.63 -3.96 1.27
N ILE A 498 -15.59 -3.69 2.17
CA ILE A 498 -15.68 -2.39 2.83
C ILE A 498 -14.50 -2.17 3.79
N SER A 499 -14.18 -3.20 4.59
CA SER A 499 -13.08 -3.13 5.53
C SER A 499 -11.71 -3.05 4.83
N ALA A 500 -11.61 -3.61 3.61
CA ALA A 500 -10.39 -3.51 2.80
C ALA A 500 -10.14 -2.07 2.28
N GLY A 501 -11.14 -1.18 2.38
CA GLY A 501 -11.02 0.22 1.99
C GLY A 501 -11.98 0.73 0.93
N PHE A 502 -12.66 -0.17 0.22
CA PHE A 502 -13.55 0.24 -0.85
C PHE A 502 -14.82 0.92 -0.37
N SER A 503 -15.30 1.91 -1.11
CA SER A 503 -16.52 2.62 -0.77
C SER A 503 -17.44 2.62 -1.98
N LEU A 504 -18.73 2.41 -1.74
CA LEU A 504 -19.77 2.30 -2.76
C LEU A 504 -20.74 3.49 -2.73
N TRP A 505 -20.96 4.07 -3.91
CA TRP A 505 -21.76 5.27 -4.15
C TRP A 505 -22.72 5.03 -5.33
N VAL A 506 -23.90 5.64 -5.27
CA VAL A 506 -24.93 5.42 -6.28
C VAL A 506 -25.74 6.68 -6.56
N TYR A 507 -26.39 6.74 -7.73
CA TYR A 507 -27.29 7.83 -8.10
C TYR A 507 -28.43 7.93 -7.04
N LYS A 508 -28.84 9.18 -6.71
CA LYS A 508 -29.82 9.46 -5.65
C LYS A 508 -31.20 8.80 -5.82
N GLN A 509 -31.62 8.48 -7.04
CA GLN A 509 -32.93 7.83 -7.24
C GLN A 509 -32.91 6.32 -6.99
N PHE A 510 -31.73 5.73 -6.72
CA PHE A 510 -31.62 4.31 -6.44
C PHE A 510 -32.43 3.92 -5.21
N ASP A 511 -33.34 2.98 -5.40
CA ASP A 511 -34.21 2.53 -4.31
C ASP A 511 -34.46 1.06 -4.48
N THR A 512 -34.05 0.27 -3.48
CA THR A 512 -34.26 -1.18 -3.47
C THR A 512 -35.75 -1.57 -3.39
N TYR A 513 -36.64 -0.63 -3.02
CA TYR A 513 -38.07 -0.92 -3.02
C TYR A 513 -38.56 -1.30 -4.42
N ASN A 514 -37.88 -0.80 -5.46
CA ASN A 514 -38.14 -1.10 -6.86
C ASN A 514 -37.72 -2.50 -7.28
N LEU A 515 -37.04 -3.27 -6.43
CA LEU A 515 -36.63 -4.62 -6.77
C LEU A 515 -37.71 -5.67 -6.45
N TRP A 516 -38.61 -5.39 -5.50
CA TRP A 516 -39.67 -6.35 -5.15
C TRP A 516 -40.64 -6.67 -6.31
N ASN A 517 -40.86 -5.71 -7.23
CA ASN A 517 -41.74 -5.93 -8.39
C ASN A 517 -41.11 -6.80 -9.49
N THR A 518 -39.85 -7.21 -9.33
CA THR A 518 -39.23 -8.18 -10.27
C THR A 518 -39.63 -9.65 -9.86
N PHE A 519 -40.60 -9.82 -8.93
CA PHE A 519 -41.14 -11.09 -8.45
C PHE A 519 -42.67 -11.04 -8.61
N THR A 520 -43.17 -11.31 -9.83
CA THR A 520 -44.60 -11.27 -10.12
C THR A 520 -45.11 -12.54 -10.78
ZN ZN B . 5.27 13.52 0.80
ZN ZN C . -35.57 -18.27 -1.14
ZN ZN D . 10.40 -16.87 13.04
P PO4 E . 8.59 -8.54 0.17
O1 PO4 E . 8.27 -9.57 1.29
O2 PO4 E . 7.25 -7.95 -0.48
O3 PO4 E . 9.40 -9.32 -0.97
O4 PO4 E . 9.42 -7.30 0.75
P PO4 F . -27.61 -16.61 -5.67
O1 PO4 F . -28.10 -18.10 -5.53
O2 PO4 F . -28.69 -15.75 -6.48
O3 PO4 F . -27.40 -15.93 -4.23
O4 PO4 F . -26.21 -16.58 -6.44
N1 LM6 G . -13.90 10.45 -26.38
N3 LM6 G . -11.84 11.75 -24.05
C4 LM6 G . -11.88 10.37 -27.17
C5 LM6 G . -12.59 10.42 -26.01
C6 LM6 G . -12.16 10.42 -24.58
C7 LM6 G . -10.60 12.31 -24.56
C1 LM6 G . -15.73 9.21 -25.31
C2 LM6 G . -15.09 10.54 -25.54
N2 LM6 G . -14.02 10.44 -27.73
C3 LM6 G . -12.77 10.37 -28.18
#